data_9JNB
#
_entry.id   9JNB
#
_cell.length_a   36.847
_cell.length_b   50.915
_cell.length_c   60.835
_cell.angle_alpha   90
_cell.angle_beta   98.935
_cell.angle_gamma   90
#
_symmetry.space_group_name_H-M   'P 1 21 1'
#
loop_
_entity.id
_entity.type
_entity.pdbx_description
1 polymer beta-lactamase
2 non-polymer Imipenem
3 water water
#
_entity_poly.entity_id   1
_entity_poly.type   'polypeptide(L)'
_entity_poly.pdbx_seq_one_letter_code
;MGNKSDAAAKQIKKLEEDFDGRIGVFAIDTGSGNTFGYRSDERFPLCSSFKGFLAAAVLERVQQKKLDINQKVKYESRDL
EYHSPITTKYKGSGMTLGDMASAALQYSDNGATNIIMERFLGGPEGMTKFMRSIGDNEFRLDRWALELNTAIPGDKRDTS
TPKAVANSLNKLALGNVLNAKVKAIYQNWLKGNTTGDARIRASVPADWVVGDKTGSCGAYGTANDYAVIWPKNRAPLIVS
IYTTRKSKDDKHSDKTIAEASRIAIQAID
;
_entity_poly.pdbx_strand_id   A
#
loop_
_chem_comp.id
_chem_comp.type
_chem_comp.name
_chem_comp.formula
ID1 non-polymer Imipenem 'C12 H19 N3 O4 S'
#
# COMPACT_ATOMS: atom_id res chain seq x y z
N ASN A 3 0.63 -13.96 25.70
CA ASN A 3 0.24 -12.91 26.68
C ASN A 3 0.39 -11.54 26.02
N LYS A 4 1.59 -11.27 25.49
CA LYS A 4 1.94 -10.00 24.86
C LYS A 4 1.11 -9.79 23.59
N SER A 5 0.53 -10.89 23.09
CA SER A 5 -0.28 -10.90 21.88
C SER A 5 -1.76 -10.66 22.21
N ASP A 6 -2.21 -11.26 23.32
CA ASP A 6 -3.59 -11.21 23.74
C ASP A 6 -3.91 -9.82 24.27
N ALA A 7 -2.93 -9.22 24.98
CA ALA A 7 -3.07 -7.90 25.57
C ALA A 7 -3.05 -6.85 24.46
N ALA A 8 -2.12 -7.04 23.51
CA ALA A 8 -2.01 -6.22 22.31
C ALA A 8 -3.36 -6.17 21.60
N ALA A 9 -4.04 -7.32 21.54
CA ALA A 9 -5.33 -7.44 20.87
C ALA A 9 -6.42 -6.64 21.62
N LYS A 10 -6.40 -6.67 22.96
CA LYS A 10 -7.35 -5.93 23.77
C LYS A 10 -7.30 -4.45 23.41
N GLN A 11 -6.07 -3.93 23.25
CA GLN A 11 -5.83 -2.51 23.00
C GLN A 11 -6.29 -2.12 21.59
N ILE A 12 -6.09 -2.99 20.59
CA ILE A 12 -6.64 -2.72 19.27
C ILE A 12 -8.16 -2.69 19.35
N LYS A 13 -8.75 -3.59 20.16
CA LYS A 13 -10.20 -3.69 20.21
C LYS A 13 -10.79 -2.46 20.91
N LYS A 14 -10.12 -1.97 21.95
CA LYS A 14 -10.59 -0.78 22.63
C LYS A 14 -10.44 0.42 21.69
N LEU A 15 -9.39 0.40 20.86
CA LEU A 15 -9.09 1.49 19.96
C LEU A 15 -10.12 1.60 18.84
N GLU A 16 -10.62 0.46 18.37
CA GLU A 16 -11.60 0.53 17.29
C GLU A 16 -12.92 0.97 17.90
N GLU A 17 -13.09 0.66 19.19
CA GLU A 17 -14.28 1.06 19.92
C GLU A 17 -14.29 2.57 20.11
N ASP A 18 -13.11 3.15 20.30
CA ASP A 18 -12.93 4.58 20.54
C ASP A 18 -13.16 5.36 19.24
N PHE A 19 -12.95 4.72 18.09
CA PHE A 19 -13.05 5.48 16.86
C PHE A 19 -14.27 5.03 16.06
N ASP A 20 -15.01 4.04 16.59
CA ASP A 20 -16.31 3.67 16.06
C ASP A 20 -16.16 3.10 14.65
N GLY A 21 -15.23 2.16 14.49
CA GLY A 21 -15.02 1.50 13.21
C GLY A 21 -14.34 0.14 13.41
N ARG A 22 -13.66 -0.32 12.36
CA ARG A 22 -13.04 -1.62 12.31
C ARG A 22 -11.57 -1.47 11.97
N ILE A 23 -10.71 -2.16 12.73
CA ILE A 23 -9.27 -2.08 12.52
C ILE A 23 -8.72 -3.48 12.22
N GLY A 24 -7.97 -3.57 11.11
CA GLY A 24 -7.23 -4.77 10.72
C GLY A 24 -5.73 -4.50 10.75
N VAL A 25 -4.98 -5.45 11.31
CA VAL A 25 -3.56 -5.33 11.54
C VAL A 25 -2.91 -6.69 11.22
N PHE A 26 -1.78 -6.64 10.54
CA PHE A 26 -0.85 -7.76 10.48
C PHE A 26 0.54 -7.14 10.46
N ALA A 27 1.41 -7.66 11.34
CA ALA A 27 2.78 -7.24 11.49
C ALA A 27 3.66 -8.49 11.57
N ILE A 28 4.84 -8.44 10.93
CA ILE A 28 5.81 -9.53 10.85
C ILE A 28 7.16 -8.96 11.30
N ASP A 29 7.83 -9.64 12.24
CA ASP A 29 9.28 -9.50 12.41
C ASP A 29 9.95 -10.55 11.53
N THR A 30 10.63 -10.08 10.47
CA THR A 30 11.26 -10.96 9.47
C THR A 30 12.43 -11.75 10.08
N GLY A 31 13.03 -11.24 11.16
CA GLY A 31 14.15 -11.91 11.80
C GLY A 31 13.67 -13.06 12.67
N SER A 32 12.73 -12.77 13.57
CA SER A 32 12.29 -13.73 14.55
C SER A 32 11.17 -14.61 13.98
N GLY A 33 10.54 -14.15 12.90
CA GLY A 33 9.35 -14.78 12.33
C GLY A 33 8.11 -14.60 13.22
N ASN A 34 8.22 -13.76 14.26
CA ASN A 34 7.07 -13.41 15.10
C ASN A 34 6.05 -12.64 14.27
N THR A 35 4.77 -12.94 14.49
CA THR A 35 3.71 -12.19 13.83
C THR A 35 2.73 -11.69 14.89
N PHE A 36 1.90 -10.73 14.49
CA PHE A 36 0.75 -10.31 15.27
C PHE A 36 -0.36 -9.91 14.31
N GLY A 37 -1.58 -10.36 14.63
CA GLY A 37 -2.72 -10.18 13.75
C GLY A 37 -3.96 -9.86 14.55
N TYR A 38 -4.71 -8.88 14.06
CA TYR A 38 -6.04 -8.58 14.54
C TYR A 38 -6.89 -8.26 13.32
N ARG A 39 -7.96 -9.04 13.18
CA ARG A 39 -8.84 -8.98 12.02
C ARG A 39 -8.05 -9.08 10.71
N SER A 40 -6.93 -9.84 10.74
CA SER A 40 -5.96 -9.87 9.65
C SER A 40 -6.49 -10.60 8.41
N ASP A 41 -7.52 -11.44 8.59
CA ASP A 41 -8.11 -12.18 7.49
C ASP A 41 -9.50 -11.64 7.14
N GLU A 42 -9.87 -10.46 7.65
CA GLU A 42 -11.10 -9.80 7.24
C GLU A 42 -10.76 -8.91 6.06
N ARG A 43 -11.76 -8.67 5.20
CA ARG A 43 -11.60 -7.86 4.00
C ARG A 43 -11.76 -6.38 4.34
N PHE A 44 -10.95 -5.56 3.64
CA PHE A 44 -10.91 -4.12 3.78
C PHE A 44 -10.60 -3.52 2.41
N PRO A 45 -11.24 -2.39 2.05
CA PRO A 45 -10.92 -1.73 0.77
C PRO A 45 -9.44 -1.39 0.69
N LEU A 46 -8.92 -1.43 -0.54
CA LEU A 46 -7.53 -1.13 -0.79
C LEU A 46 -7.32 0.38 -0.84
N CYS A 47 -8.35 1.08 -1.35
CA CYS A 47 -8.19 2.48 -1.73
C CYS A 47 -6.96 2.57 -2.63
N SER A 48 -6.13 3.60 -2.42
CA SER A 48 -4.98 3.87 -3.27
C SER A 48 -3.83 2.89 -2.99
N SER A 49 -3.92 2.03 -1.98
CA SER A 49 -2.73 1.37 -1.48
C SER A 49 -2.16 0.37 -2.50
N PHE A 50 -3.00 -0.15 -3.41
CA PHE A 50 -2.60 -1.07 -4.45
C PHE A 50 -1.54 -0.42 -5.36
N LYS A 51 -1.42 0.92 -5.30
CA LYS A 51 -0.44 1.63 -6.13
C LYS A 51 1.00 1.20 -5.84
N GLY A 52 1.25 0.85 -4.57
CA GLY A 52 2.49 0.21 -4.15
C GLY A 52 2.72 -1.14 -4.83
N PHE A 53 1.65 -1.91 -5.07
CA PHE A 53 1.81 -3.20 -5.74
C PHE A 53 1.94 -3.05 -7.26
N LEU A 54 1.27 -2.04 -7.80
CA LEU A 54 1.35 -1.65 -9.20
C LEU A 54 2.77 -1.25 -9.61
N ALA A 55 3.47 -0.52 -8.73
CA ALA A 55 4.83 -0.07 -9.03
C ALA A 55 5.75 -1.29 -9.14
N ALA A 56 5.49 -2.28 -8.29
CA ALA A 56 6.27 -3.51 -8.29
C ALA A 56 5.98 -4.33 -9.56
N ALA A 57 4.73 -4.27 -10.04
CA ALA A 57 4.36 -4.98 -11.26
C ALA A 57 5.17 -4.47 -12.43
N VAL A 58 5.28 -3.14 -12.53
CA VAL A 58 6.04 -2.46 -13.58
C VAL A 58 7.50 -2.90 -13.51
N LEU A 59 8.06 -2.92 -12.29
CA LEU A 59 9.44 -3.33 -12.07
C LEU A 59 9.69 -4.77 -12.50
N GLU A 60 8.67 -5.63 -12.43
CA GLU A 60 8.84 -7.02 -12.80
C GLU A 60 8.93 -7.12 -14.31
N ARG A 61 8.11 -6.31 -15.01
CA ARG A 61 8.11 -6.23 -16.46
C ARG A 61 9.44 -5.72 -16.98
N VAL A 62 9.95 -4.64 -16.37
CA VAL A 62 11.25 -4.05 -16.66
C VAL A 62 12.34 -5.12 -16.66
N GLN A 63 12.32 -5.97 -15.62
CA GLN A 63 13.34 -6.96 -15.32
C GLN A 63 13.32 -8.08 -16.35
N GLN A 64 12.13 -8.38 -16.89
CA GLN A 64 11.99 -9.33 -17.97
C GLN A 64 12.20 -8.67 -19.33
N LYS A 65 12.62 -7.40 -19.28
CA LYS A 65 13.02 -6.61 -20.45
C LYS A 65 11.84 -6.40 -21.40
N LYS A 66 10.63 -6.45 -20.83
CA LYS A 66 9.45 -6.18 -21.62
C LYS A 66 9.20 -4.67 -21.61
N LEU A 67 9.83 -3.97 -20.65
CA LEU A 67 9.68 -2.52 -20.55
C LEU A 67 11.01 -1.88 -20.16
N ASP A 68 11.29 -0.73 -20.76
CA ASP A 68 12.47 0.04 -20.44
C ASP A 68 12.09 1.10 -19.41
N ILE A 69 12.87 1.19 -18.31
CA ILE A 69 12.57 2.12 -17.21
C ILE A 69 12.64 3.56 -17.71
N ASN A 70 13.37 3.79 -18.79
CA ASN A 70 13.60 5.15 -19.28
C ASN A 70 12.72 5.43 -20.49
N GLN A 71 11.91 4.45 -20.89
CA GLN A 71 11.03 4.64 -22.03
C GLN A 71 10.07 5.78 -21.70
N LYS A 72 9.82 6.60 -22.72
CA LYS A 72 9.07 7.84 -22.61
C LYS A 72 7.60 7.51 -22.73
N VAL A 73 6.79 8.09 -21.83
CA VAL A 73 5.36 7.93 -21.87
C VAL A 73 4.69 9.29 -22.15
N LYS A 74 3.93 9.32 -23.24
CA LYS A 74 3.28 10.51 -23.77
C LYS A 74 1.77 10.39 -23.54
N TYR A 75 1.12 11.51 -23.15
CA TYR A 75 -0.29 11.50 -22.74
C TYR A 75 -0.90 12.89 -22.82
N GLU A 76 -0.51 13.68 -23.84
CA GLU A 76 -0.77 15.12 -23.84
C GLU A 76 -2.25 15.45 -24.11
N SER A 77 -3.02 14.48 -24.60
CA SER A 77 -4.43 14.69 -24.96
C SER A 77 -5.37 14.10 -23.91
N ARG A 78 -4.79 13.50 -22.85
CA ARG A 78 -5.57 12.77 -21.87
C ARG A 78 -6.25 13.76 -20.92
N ASP A 79 -7.53 13.49 -20.61
CA ASP A 79 -8.23 14.18 -19.55
C ASP A 79 -7.79 13.60 -18.21
N LEU A 80 -6.87 14.28 -17.52
CA LEU A 80 -6.21 13.74 -16.34
C LEU A 80 -7.17 13.60 -15.16
N GLU A 81 -7.09 12.43 -14.52
CA GLU A 81 -7.85 12.12 -13.30
C GLU A 81 -7.56 13.14 -12.21
N TYR A 82 -8.55 13.30 -11.33
CA TYR A 82 -8.42 14.01 -10.08
C TYR A 82 -7.31 13.36 -9.24
N HIS A 83 -6.61 14.21 -8.50
CA HIS A 83 -5.41 13.85 -7.76
C HIS A 83 -4.39 13.23 -8.73
N SER A 84 -4.00 14.00 -9.74
CA SER A 84 -2.81 13.67 -10.52
C SER A 84 -1.76 14.76 -10.30
N PRO A 85 -1.24 14.96 -9.07
CA PRO A 85 -0.36 16.11 -8.83
C PRO A 85 0.92 16.10 -9.68
N ILE A 86 1.47 14.90 -9.96
CA ILE A 86 2.73 14.79 -10.68
C ILE A 86 2.51 14.82 -12.20
N THR A 87 1.69 13.90 -12.71
CA THR A 87 1.38 13.79 -14.13
C THR A 87 0.91 15.12 -14.69
N THR A 88 0.08 15.87 -13.95
CA THR A 88 -0.45 17.14 -14.41
C THR A 88 0.66 18.10 -14.87
N LYS A 89 1.72 18.22 -14.06
CA LYS A 89 2.80 19.17 -14.28
C LYS A 89 3.62 18.85 -15.55
N TYR A 90 3.66 17.57 -15.99
CA TYR A 90 4.57 17.15 -17.05
C TYR A 90 3.80 16.73 -18.31
N LYS A 91 2.47 16.88 -18.31
CA LYS A 91 1.59 16.49 -19.41
C LYS A 91 2.11 16.93 -20.79
N GLY A 92 2.80 18.08 -20.86
CA GLY A 92 3.29 18.66 -22.10
C GLY A 92 4.55 17.96 -22.64
N SER A 93 5.35 17.36 -21.75
CA SER A 93 6.62 16.73 -22.12
C SER A 93 6.55 15.19 -22.03
N GLY A 94 5.60 14.65 -21.26
CA GLY A 94 5.55 13.24 -20.95
C GLY A 94 6.52 12.90 -19.83
N MET A 95 6.61 11.61 -19.48
CA MET A 95 7.45 11.21 -18.37
C MET A 95 8.09 9.86 -18.70
N THR A 96 9.22 9.55 -18.06
CA THR A 96 9.75 8.19 -18.12
C THR A 96 8.79 7.27 -17.35
N LEU A 97 8.71 6.03 -17.79
CA LEU A 97 7.95 4.97 -17.12
C LEU A 97 8.34 4.89 -15.65
N GLY A 98 9.64 4.84 -15.38
CA GLY A 98 10.15 4.82 -14.02
C GLY A 98 9.55 5.95 -13.18
N ASP A 99 9.56 7.18 -13.73
CA ASP A 99 9.11 8.37 -13.03
C ASP A 99 7.58 8.37 -12.89
N MET A 100 6.92 7.76 -13.87
CA MET A 100 5.49 7.60 -13.77
C MET A 100 5.15 6.58 -12.67
N ALA A 101 5.81 5.41 -12.72
CA ALA A 101 5.54 4.35 -11.77
C ALA A 101 5.80 4.83 -10.34
N SER A 102 6.89 5.61 -10.16
CA SER A 102 7.27 6.04 -8.81
C SER A 102 6.30 7.11 -8.30
N ALA A 103 5.75 7.90 -9.24
CA ALA A 103 4.77 8.95 -8.96
C ALA A 103 3.45 8.35 -8.48
N ALA A 104 3.03 7.27 -9.13
CA ALA A 104 1.84 6.51 -8.75
C ALA A 104 1.94 6.04 -7.30
N LEU A 105 3.11 5.54 -6.91
CA LEU A 105 3.39 5.13 -5.53
C LEU A 105 3.56 6.34 -4.62
N GLN A 106 4.45 7.27 -4.97
CA GLN A 106 4.97 8.18 -3.95
C GLN A 106 4.05 9.37 -3.73
N TYR A 107 3.13 9.62 -4.68
CA TYR A 107 2.18 10.71 -4.55
C TYR A 107 0.77 10.21 -4.83
N SER A 108 0.66 8.90 -5.14
CA SER A 108 -0.64 8.27 -5.28
C SER A 108 -1.34 8.81 -6.55
N ASP A 109 -0.53 9.25 -7.53
CA ASP A 109 -1.00 9.92 -8.72
C ASP A 109 -1.91 9.01 -9.53
N ASN A 110 -3.16 9.47 -9.72
CA ASN A 110 -4.22 8.69 -10.36
C ASN A 110 -4.00 8.53 -11.86
N GLY A 111 -3.54 9.61 -12.51
CA GLY A 111 -3.21 9.59 -13.93
C GLY A 111 -2.10 8.58 -14.23
N ALA A 112 -1.06 8.57 -13.39
CA ALA A 112 0.07 7.67 -13.55
C ALA A 112 -0.43 6.24 -13.41
N THR A 113 -1.20 6.01 -12.32
CA THR A 113 -1.75 4.72 -12.00
C THR A 113 -2.54 4.19 -13.20
N ASN A 114 -3.38 5.05 -13.78
CA ASN A 114 -4.33 4.58 -14.77
C ASN A 114 -3.66 4.46 -16.13
N ILE A 115 -2.66 5.30 -16.39
CA ILE A 115 -1.98 5.20 -17.67
C ILE A 115 -1.23 3.87 -17.70
N ILE A 116 -0.64 3.54 -16.57
CA ILE A 116 0.18 2.34 -16.48
C ILE A 116 -0.74 1.13 -16.62
N MET A 117 -1.94 1.20 -16.04
CA MET A 117 -2.81 0.04 -16.03
C MET A 117 -3.41 -0.21 -17.41
N GLU A 118 -3.67 0.85 -18.17
CA GLU A 118 -4.23 0.68 -19.50
C GLU A 118 -3.18 0.06 -20.42
N ARG A 119 -1.95 0.59 -20.34
CA ARG A 119 -1.01 0.38 -21.41
C ARG A 119 -0.12 -0.84 -21.14
N PHE A 120 0.14 -1.20 -19.88
CA PHE A 120 1.30 -2.05 -19.62
C PHE A 120 0.93 -3.29 -18.82
N LEU A 121 -0.15 -3.21 -18.04
CA LEU A 121 -0.41 -4.17 -16.99
C LEU A 121 -1.70 -4.94 -17.24
N GLY A 122 -2.49 -4.56 -18.25
CA GLY A 122 -3.70 -5.32 -18.58
C GLY A 122 -4.88 -5.00 -17.66
N GLY A 123 -5.01 -3.71 -17.30
CA GLY A 123 -6.06 -3.21 -16.44
C GLY A 123 -6.07 -3.88 -15.06
N PRO A 124 -7.15 -3.62 -14.28
CA PRO A 124 -7.36 -4.25 -12.97
C PRO A 124 -7.14 -5.76 -12.88
N GLU A 125 -7.63 -6.48 -13.89
CA GLU A 125 -7.49 -7.94 -13.89
C GLU A 125 -6.03 -8.34 -14.05
N GLY A 126 -5.29 -7.59 -14.87
CA GLY A 126 -3.85 -7.85 -15.00
C GLY A 126 -3.13 -7.60 -13.66
N MET A 127 -3.50 -6.50 -13.00
CA MET A 127 -3.05 -6.19 -11.65
C MET A 127 -3.39 -7.36 -10.70
N THR A 128 -4.59 -7.91 -10.82
CA THR A 128 -4.99 -9.02 -9.95
C THR A 128 -4.13 -10.24 -10.27
N LYS A 129 -3.87 -10.45 -11.55
CA LYS A 129 -3.13 -11.61 -12.02
C LYS A 129 -1.72 -11.55 -11.45
N PHE A 130 -1.16 -10.32 -11.44
CA PHE A 130 0.18 -10.10 -10.93
C PHE A 130 0.25 -10.56 -9.46
N MET A 131 -0.80 -10.28 -8.69
CA MET A 131 -0.73 -10.58 -7.27
C MET A 131 -0.87 -12.10 -7.06
N ARG A 132 -1.80 -12.70 -7.80
CA ARG A 132 -1.96 -14.14 -7.82
C ARG A 132 -0.59 -14.77 -8.11
N SER A 133 0.13 -14.23 -9.09
CA SER A 133 1.39 -14.80 -9.54
C SER A 133 2.48 -14.74 -8.48
N ILE A 134 2.25 -14.11 -7.32
CA ILE A 134 3.25 -14.10 -6.26
C ILE A 134 2.71 -14.83 -5.04
N GLY A 135 1.54 -15.46 -5.19
CA GLY A 135 0.96 -16.27 -4.14
C GLY A 135 -0.07 -15.52 -3.30
N ASP A 136 -0.52 -14.35 -3.76
CA ASP A 136 -1.52 -13.60 -3.01
C ASP A 136 -2.91 -13.97 -3.53
N ASN A 137 -3.68 -14.69 -2.70
CA ASN A 137 -4.99 -15.21 -3.12
C ASN A 137 -6.17 -14.38 -2.58
N GLU A 138 -5.90 -13.32 -1.79
CA GLU A 138 -6.97 -12.46 -1.28
C GLU A 138 -7.17 -11.24 -2.17
N PHE A 139 -6.09 -10.56 -2.54
CA PHE A 139 -6.16 -9.33 -3.34
C PHE A 139 -7.11 -9.50 -4.52
N ARG A 140 -7.96 -8.48 -4.76
CA ARG A 140 -8.67 -8.34 -6.01
C ARG A 140 -8.84 -6.85 -6.32
N LEU A 141 -8.53 -6.50 -7.58
CA LEU A 141 -8.78 -5.16 -8.09
C LEU A 141 -9.87 -5.31 -9.15
N ASP A 142 -10.93 -4.50 -9.01
CA ASP A 142 -12.12 -4.68 -9.83
C ASP A 142 -12.28 -3.47 -10.74
N ARG A 143 -11.93 -2.29 -10.21
CA ARG A 143 -12.18 -1.02 -10.88
C ARG A 143 -10.87 -0.26 -11.01
N TRP A 144 -10.92 0.85 -11.75
CA TRP A 144 -9.74 1.63 -12.07
C TRP A 144 -9.48 2.58 -10.91
N ALA A 145 -8.29 3.19 -10.91
CA ALA A 145 -7.90 4.07 -9.82
C ALA A 145 -8.88 5.23 -9.80
N LEU A 146 -9.21 5.73 -8.60
CA LEU A 146 -10.17 6.82 -8.44
C LEU A 146 -11.56 6.22 -8.31
N GLU A 147 -12.07 5.55 -9.36
CA GLU A 147 -13.44 5.03 -9.30
C GLU A 147 -13.56 3.96 -8.19
N LEU A 148 -12.46 3.26 -7.88
CA LEU A 148 -12.53 2.12 -6.96
C LEU A 148 -12.66 2.54 -5.50
N ASN A 149 -12.70 3.86 -5.21
CA ASN A 149 -12.60 4.35 -3.84
C ASN A 149 -13.95 4.54 -3.15
N THR A 150 -15.00 3.86 -3.61
CA THR A 150 -16.32 4.07 -3.02
C THR A 150 -16.42 3.49 -1.61
N ALA A 151 -15.69 2.38 -1.33
CA ALA A 151 -15.56 1.82 0.01
C ALA A 151 -16.91 1.59 0.68
N ILE A 152 -17.91 1.22 -0.15
CA ILE A 152 -19.26 0.88 0.26
C ILE A 152 -19.18 -0.37 1.15
N PRO A 153 -19.70 -0.32 2.40
CA PRO A 153 -19.71 -1.51 3.27
C PRO A 153 -20.30 -2.74 2.59
N GLY A 154 -19.55 -3.84 2.61
CA GLY A 154 -20.04 -5.11 2.11
C GLY A 154 -19.74 -5.34 0.62
N ASP A 155 -19.21 -4.31 -0.04
CA ASP A 155 -18.67 -4.46 -1.38
C ASP A 155 -17.29 -5.10 -1.24
N LYS A 156 -17.09 -6.25 -1.91
CA LYS A 156 -15.84 -7.00 -1.83
C LYS A 156 -14.92 -6.58 -2.99
N ARG A 157 -15.43 -5.74 -3.88
CA ARG A 157 -14.60 -5.22 -4.97
C ARG A 157 -13.48 -4.36 -4.41
N ASP A 158 -12.29 -4.56 -4.96
CA ASP A 158 -11.15 -3.71 -4.67
C ASP A 158 -10.82 -3.82 -3.18
N THR A 159 -10.67 -5.07 -2.70
CA THR A 159 -10.35 -5.32 -1.30
C THR A 159 -9.20 -6.32 -1.21
N SER A 160 -8.61 -6.38 -0.01
CA SER A 160 -7.72 -7.49 0.35
C SER A 160 -7.82 -7.66 1.86
N THR A 161 -6.90 -8.42 2.46
CA THR A 161 -6.89 -8.55 3.91
C THR A 161 -5.55 -8.01 4.43
N PRO A 162 -5.45 -7.52 5.68
CA PRO A 162 -4.16 -7.10 6.24
C PRO A 162 -2.99 -8.09 6.13
N LYS A 163 -3.29 -9.38 6.31
CA LYS A 163 -2.30 -10.45 6.26
C LYS A 163 -1.70 -10.54 4.85
N ALA A 164 -2.59 -10.57 3.86
CA ALA A 164 -2.24 -10.76 2.45
C ALA A 164 -1.41 -9.57 1.98
N VAL A 165 -1.81 -8.39 2.42
CA VAL A 165 -1.07 -7.19 2.08
C VAL A 165 0.34 -7.30 2.66
N ALA A 166 0.46 -7.64 3.95
CA ALA A 166 1.77 -7.79 4.58
C ALA A 166 2.61 -8.83 3.85
N ASN A 167 2.01 -10.02 3.59
CA ASN A 167 2.74 -11.11 2.95
C ASN A 167 3.21 -10.70 1.55
N SER A 168 2.33 -10.10 0.75
CA SER A 168 2.73 -9.57 -0.56
C SER A 168 3.88 -8.58 -0.47
N LEU A 169 3.82 -7.66 0.52
CA LEU A 169 4.80 -6.61 0.69
C LEU A 169 6.15 -7.25 1.03
N ASN A 170 6.13 -8.20 1.96
CA ASN A 170 7.26 -9.01 2.35
C ASN A 170 7.93 -9.61 1.12
N LYS A 171 7.15 -10.29 0.26
CA LYS A 171 7.66 -10.96 -0.92
C LYS A 171 8.35 -9.96 -1.86
N LEU A 172 7.75 -8.79 -2.08
CA LEU A 172 8.20 -7.83 -3.08
C LEU A 172 9.36 -6.97 -2.56
N ALA A 173 9.25 -6.52 -1.30
CA ALA A 173 10.22 -5.56 -0.80
C ALA A 173 11.46 -6.26 -0.25
N LEU A 174 11.31 -7.52 0.16
CA LEU A 174 12.35 -8.19 0.94
C LEU A 174 12.64 -9.59 0.38
N GLY A 175 11.76 -10.11 -0.49
CA GLY A 175 11.88 -11.46 -0.99
C GLY A 175 12.60 -11.51 -2.34
N ASN A 176 12.20 -12.50 -3.17
CA ASN A 176 12.96 -12.86 -4.36
C ASN A 176 12.12 -12.77 -5.63
N VAL A 177 10.98 -12.08 -5.56
CA VAL A 177 10.20 -11.78 -6.75
C VAL A 177 10.98 -10.86 -7.69
N LEU A 178 11.66 -9.86 -7.11
CA LEU A 178 12.48 -8.91 -7.86
C LEU A 178 13.96 -9.19 -7.58
N ASN A 179 14.79 -9.12 -8.62
CA ASN A 179 16.24 -9.30 -8.47
C ASN A 179 16.82 -8.14 -7.67
N ALA A 180 18.12 -8.22 -7.37
CA ALA A 180 18.69 -7.31 -6.38
C ALA A 180 18.60 -5.86 -6.82
N LYS A 181 18.69 -5.62 -8.14
CA LYS A 181 18.79 -4.28 -8.70
C LYS A 181 17.42 -3.62 -8.61
N VAL A 182 16.44 -4.22 -9.28
CA VAL A 182 15.13 -3.64 -9.41
C VAL A 182 14.37 -3.71 -8.08
N LYS A 183 14.77 -4.66 -7.21
CA LYS A 183 14.34 -4.70 -5.82
C LYS A 183 14.81 -3.44 -5.08
N ALA A 184 16.07 -3.03 -5.32
CA ALA A 184 16.62 -1.89 -4.59
C ALA A 184 15.93 -0.60 -5.02
N ILE A 185 15.54 -0.52 -6.33
CA ILE A 185 14.77 0.58 -6.86
C ILE A 185 13.39 0.59 -6.19
N TYR A 186 12.79 -0.59 -6.06
CA TYR A 186 11.49 -0.69 -5.43
C TYR A 186 11.54 -0.13 -4.02
N GLN A 187 12.58 -0.50 -3.27
CA GLN A 187 12.72 -0.18 -1.86
C GLN A 187 12.96 1.33 -1.72
N ASN A 188 13.71 1.90 -2.64
CA ASN A 188 13.95 3.35 -2.62
C ASN A 188 12.65 4.11 -2.88
N TRP A 189 11.91 3.68 -3.90
CA TRP A 189 10.57 4.17 -4.21
C TRP A 189 9.68 4.24 -2.97
N LEU A 190 9.50 3.09 -2.31
CA LEU A 190 8.80 2.98 -1.03
C LEU A 190 9.34 3.96 0.02
N LYS A 191 10.65 4.05 0.21
CA LYS A 191 11.22 4.92 1.24
C LYS A 191 10.87 6.38 0.96
N GLY A 192 10.70 6.75 -0.32
CA GLY A 192 10.47 8.13 -0.71
C GLY A 192 9.00 8.50 -0.77
N ASN A 193 8.10 7.67 -0.21
CA ASN A 193 6.67 7.97 -0.23
C ASN A 193 6.41 9.29 0.52
N THR A 194 5.45 10.09 0.03
CA THR A 194 5.29 11.43 0.60
C THR A 194 4.03 11.56 1.44
N THR A 195 3.18 10.51 1.48
CA THR A 195 1.81 10.67 1.93
C THR A 195 1.56 10.06 3.31
N GLY A 196 2.59 9.51 3.96
CA GLY A 196 2.32 8.76 5.18
C GLY A 196 3.11 9.18 6.42
N ASP A 197 3.44 10.48 6.55
CA ASP A 197 4.17 10.98 7.71
C ASP A 197 3.34 10.92 9.01
N ALA A 198 2.00 10.92 8.90
CA ALA A 198 1.13 10.85 10.06
C ALA A 198 0.68 9.42 10.40
N ARG A 199 1.19 8.42 9.69
CA ARG A 199 0.66 7.06 9.86
C ARG A 199 1.76 6.20 10.46
N ILE A 200 2.18 5.12 9.76
CA ILE A 200 3.11 4.17 10.34
C ILE A 200 4.41 4.88 10.70
N ARG A 201 4.82 5.84 9.88
CA ARG A 201 6.06 6.60 10.12
C ARG A 201 6.03 7.30 11.48
N ALA A 202 4.87 7.82 11.90
CA ALA A 202 4.81 8.54 13.15
C ALA A 202 4.90 7.60 14.35
N SER A 203 4.86 6.28 14.11
CA SER A 203 4.81 5.30 15.17
C SER A 203 6.20 4.75 15.51
N VAL A 204 7.25 5.21 14.82
CA VAL A 204 8.55 4.61 15.04
C VAL A 204 9.60 5.67 15.34
N PRO A 205 10.68 5.32 16.09
CA PRO A 205 11.79 6.26 16.29
C PRO A 205 12.22 6.79 14.93
N ALA A 206 12.80 8.00 14.94
CA ALA A 206 13.07 8.72 13.70
C ALA A 206 14.30 8.15 12.99
N ASP A 207 15.09 7.37 13.74
CA ASP A 207 16.34 6.79 13.22
C ASP A 207 16.05 5.40 12.66
N TRP A 208 14.78 5.11 12.41
CA TRP A 208 14.37 3.93 11.69
C TRP A 208 13.98 4.36 10.28
N VAL A 209 14.29 3.53 9.29
CA VAL A 209 13.95 3.88 7.92
C VAL A 209 12.67 3.15 7.54
N VAL A 210 11.76 3.84 6.87
CA VAL A 210 10.45 3.32 6.50
C VAL A 210 10.21 3.56 5.01
N GLY A 211 9.68 2.54 4.33
CA GLY A 211 9.00 2.67 3.05
C GLY A 211 7.53 2.25 3.21
N ASP A 212 6.61 3.03 2.64
CA ASP A 212 5.21 2.79 2.90
C ASP A 212 4.39 3.22 1.67
N LYS A 213 3.13 2.76 1.66
CA LYS A 213 2.13 3.25 0.75
C LYS A 213 0.81 3.35 1.51
N THR A 214 0.14 4.52 1.39
CA THR A 214 -1.09 4.84 2.11
C THR A 214 -2.28 4.65 1.18
N GLY A 215 -3.48 4.57 1.76
CA GLY A 215 -4.72 4.66 1.02
C GLY A 215 -5.72 5.48 1.84
N SER A 216 -6.50 6.30 1.14
CA SER A 216 -7.53 7.12 1.75
C SER A 216 -8.70 7.25 0.76
N CYS A 217 -9.76 6.47 0.97
CA CYS A 217 -10.85 6.37 0.02
C CYS A 217 -11.61 7.69 -0.02
N GLY A 218 -11.66 8.40 1.12
CA GLY A 218 -12.45 9.61 1.26
C GLY A 218 -13.91 9.35 1.62
N ALA A 219 -14.22 8.16 2.14
CA ALA A 219 -15.60 7.74 2.41
C ALA A 219 -15.55 6.57 3.37
N TYR A 220 -16.59 6.46 4.20
CA TYR A 220 -16.69 5.46 5.25
C TYR A 220 -15.44 5.44 6.13
N GLY A 221 -14.82 6.61 6.32
CA GLY A 221 -13.63 6.77 7.16
C GLY A 221 -12.54 5.75 6.87
N THR A 222 -12.37 5.43 5.57
CA THR A 222 -11.59 4.28 5.15
C THR A 222 -10.17 4.72 4.78
N ALA A 223 -9.19 4.33 5.58
CA ALA A 223 -7.81 4.65 5.26
C ALA A 223 -6.89 3.51 5.69
N ASN A 224 -5.70 3.44 5.05
CA ASN A 224 -4.76 2.38 5.40
C ASN A 224 -3.32 2.85 5.24
N ASP A 225 -2.41 2.01 5.73
CA ASP A 225 -1.00 2.19 5.46
C ASP A 225 -0.31 0.82 5.54
N TYR A 226 0.70 0.59 4.69
CA TYR A 226 1.56 -0.58 4.87
C TYR A 226 3.02 -0.19 4.68
N ALA A 227 3.92 -0.88 5.42
CA ALA A 227 5.30 -0.44 5.47
C ALA A 227 6.28 -1.60 5.66
N VAL A 228 7.48 -1.42 5.08
CA VAL A 228 8.71 -2.08 5.48
C VAL A 228 9.48 -1.12 6.39
N ILE A 229 9.97 -1.65 7.52
CA ILE A 229 10.66 -0.87 8.54
C ILE A 229 12.05 -1.48 8.75
N TRP A 230 13.09 -0.69 8.50
CA TRP A 230 14.44 -1.14 8.82
C TRP A 230 14.93 -0.49 10.10
N PRO A 231 14.76 -1.15 11.28
CA PRO A 231 15.19 -0.59 12.55
C PRO A 231 16.72 -0.53 12.54
N LYS A 232 17.29 0.22 13.47
CA LYS A 232 18.73 0.13 13.63
C LYS A 232 19.02 -1.07 14.52
N ASN A 233 20.10 -1.81 14.23
CA ASN A 233 20.55 -2.95 15.02
C ASN A 233 19.44 -4.00 15.17
N ARG A 234 18.63 -4.21 14.11
CA ARG A 234 17.50 -5.12 14.21
C ARG A 234 17.02 -5.50 12.80
N ALA A 235 16.35 -6.64 12.68
CA ALA A 235 15.89 -7.17 11.40
C ALA A 235 14.64 -6.43 10.91
N PRO A 236 14.39 -6.35 9.58
CA PRO A 236 13.22 -5.63 9.07
C PRO A 236 11.87 -6.12 9.59
N LEU A 237 10.92 -5.18 9.72
CA LEU A 237 9.55 -5.41 10.11
C LEU A 237 8.64 -5.12 8.92
N ILE A 238 7.49 -5.82 8.87
CA ILE A 238 6.41 -5.47 7.97
C ILE A 238 5.19 -5.10 8.83
N VAL A 239 4.50 -3.99 8.50
CA VAL A 239 3.30 -3.54 9.19
C VAL A 239 2.23 -3.19 8.16
N SER A 240 1.00 -3.65 8.42
CA SER A 240 -0.13 -3.54 7.52
C SER A 240 -1.35 -3.12 8.33
N ILE A 241 -1.92 -1.92 8.06
CA ILE A 241 -2.97 -1.30 8.86
C ILE A 241 -4.12 -0.83 7.94
N TYR A 242 -5.31 -1.43 8.12
CA TYR A 242 -6.51 -1.22 7.32
C TYR A 242 -7.67 -0.86 8.24
N THR A 243 -8.47 0.15 7.86
CA THR A 243 -9.55 0.66 8.70
C THR A 243 -10.74 1.09 7.84
N THR A 244 -11.94 0.89 8.42
CA THR A 244 -13.21 1.36 7.90
C THR A 244 -13.97 2.00 9.07
N ARG A 245 -15.01 2.78 8.74
CA ARG A 245 -15.94 3.30 9.72
C ARG A 245 -17.36 3.13 9.21
N LYS A 246 -18.32 3.31 10.12
CA LYS A 246 -19.71 2.90 9.93
C LYS A 246 -20.41 3.73 8.85
N SER A 247 -20.30 5.07 8.94
CA SER A 247 -21.12 5.98 8.15
C SER A 247 -20.30 6.59 7.01
N LYS A 248 -21.00 6.94 5.93
CA LYS A 248 -20.40 7.47 4.71
C LYS A 248 -19.53 8.69 4.98
N ASP A 249 -19.96 9.56 5.91
CA ASP A 249 -19.34 10.85 6.16
C ASP A 249 -18.38 10.77 7.34
N ASP A 250 -18.17 9.55 7.87
CA ASP A 250 -17.11 9.34 8.85
C ASP A 250 -15.78 9.67 8.19
N LYS A 251 -14.92 10.33 8.97
CA LYS A 251 -13.63 10.76 8.48
C LYS A 251 -12.63 9.75 9.00
N HIS A 252 -11.51 9.62 8.27
CA HIS A 252 -10.49 8.62 8.53
C HIS A 252 -9.67 9.13 9.70
N SER A 253 -8.94 8.24 10.38
CA SER A 253 -8.20 8.69 11.54
C SER A 253 -6.71 8.32 11.44
N ASP A 254 -5.84 9.31 11.17
CA ASP A 254 -4.40 9.07 11.06
C ASP A 254 -3.85 8.58 12.39
N LYS A 255 -4.21 9.29 13.47
CA LYS A 255 -3.80 8.94 14.81
C LYS A 255 -4.13 7.50 15.15
N THR A 256 -5.31 7.00 14.72
CA THR A 256 -5.73 5.62 14.93
C THR A 256 -4.78 4.65 14.20
N ILE A 257 -4.43 4.99 12.95
CA ILE A 257 -3.47 4.17 12.24
C ILE A 257 -2.11 4.20 12.96
N ALA A 258 -1.62 5.40 13.31
CA ALA A 258 -0.36 5.56 13.99
C ALA A 258 -0.30 4.69 15.24
N GLU A 259 -1.33 4.82 16.10
CA GLU A 259 -1.43 4.09 17.37
C GLU A 259 -1.55 2.57 17.16
N ALA A 260 -2.33 2.15 16.16
CA ALA A 260 -2.44 0.72 15.87
C ALA A 260 -1.07 0.16 15.49
N SER A 261 -0.32 1.00 14.77
CA SER A 261 1.03 0.66 14.35
C SER A 261 1.93 0.52 15.58
N ARG A 262 1.92 1.49 16.49
CA ARG A 262 2.66 1.36 17.74
C ARG A 262 2.30 0.05 18.43
N ILE A 263 1.01 -0.19 18.62
CA ILE A 263 0.55 -1.38 19.32
C ILE A 263 1.06 -2.66 18.62
N ALA A 264 0.98 -2.70 17.29
CA ALA A 264 1.34 -3.87 16.52
C ALA A 264 2.81 -4.20 16.72
N ILE A 265 3.64 -3.16 16.73
CA ILE A 265 5.08 -3.28 16.76
C ILE A 265 5.52 -3.79 18.13
N GLN A 266 4.85 -3.31 19.19
CA GLN A 266 5.03 -3.79 20.55
C GLN A 266 4.81 -5.29 20.58
N ALA A 267 3.70 -5.75 19.99
CA ALA A 267 3.30 -7.15 19.98
C ALA A 267 4.41 -8.08 19.48
N ILE A 268 5.16 -7.68 18.45
CA ILE A 268 6.15 -8.55 17.81
C ILE A 268 7.57 -8.26 18.31
N ASP A 269 7.69 -7.45 19.37
CA ASP A 269 8.97 -6.95 19.83
C ASP A 269 9.77 -8.03 20.56
C7 ID1 B . -6.34 6.77 -2.69
C7 ID1 B . -6.48 7.06 -3.11
C2 ID1 B . -4.55 10.57 -1.50
C2 ID1 B . -4.54 10.71 -1.58
C6 ID1 B . -6.71 8.20 -2.96
C6 ID1 B . -6.87 8.49 -3.26
C5 ID1 B . -5.45 9.04 -3.10
C5 ID1 B . -5.58 9.31 -3.21
C3 ID1 B . -4.08 9.15 -1.27
C3 ID1 B . -4.18 9.24 -1.40
O7 ID1 B . -6.53 6.28 -1.60
O7 ID1 B . -6.62 6.51 -2.05
C61 ID1 B . -7.80 8.35 -4.03
C61 ID1 B . -7.78 8.76 -4.47
O62 ID1 B . -7.40 7.68 -5.21
O62 ID1 B . -7.15 8.23 -5.62
C62 ID1 B . -8.16 9.80 -4.34
C62 ID1 B . -8.11 10.21 -4.69
N4 ID1 B . -4.35 8.41 -2.29
N4 ID1 B . -4.56 8.55 -2.42
C31 ID1 B . -3.37 8.74 -0.25
C31 ID1 B . -3.45 8.71 -0.44
O31 ID1 B . -2.74 7.68 -0.34
O31 ID1 B . -2.93 7.63 -0.66
O32 ID1 B . -3.39 9.37 0.79
O32 ID1 B . -3.37 9.26 0.64
S21 ID1 B . -5.29 11.34 -0.04
S21 ID1 B . -5.09 11.58 -0.08
C22 ID1 B . -3.81 12.20 0.63
C22 ID1 B . -3.56 12.45 0.42
C23 ID1 B . -3.87 12.26 2.12
C23 ID1 B . -2.91 11.78 1.59
N24 ID1 B . -4.66 13.42 2.55
N24 ID1 B . -3.35 12.37 2.87
C25 ID1 B . -4.44 14.54 2.00
C25 ID1 B . -3.93 11.60 3.71
N26 ID1 B . -5.08 15.63 2.40
N26 ID1 B . -4.25 11.98 4.95
C1 ID1 B . -5.59 10.47 -2.60
C1 ID1 B . -5.70 10.67 -2.56
#